data_6QV7
#
_entry.id   6QV7
#
_cell.length_a   69.483
_cell.length_b   95.735
_cell.length_c   102.779
_cell.angle_alpha   90.00
_cell.angle_beta   90.00
_cell.angle_gamma   90.00
#
_symmetry.space_group_name_H-M   'I 2 2 2'
#
loop_
_entity.id
_entity.type
_entity.pdbx_description
1 polymer 'Uncharacterized protein'
2 non-polymer 'ISOPROPYL ALCOHOL'
3 non-polymer 1,2-ETHANEDIOL
4 non-polymer 'SULFATE ION'
5 water water
#
_entity_poly.entity_id   1
_entity_poly.type   'polypeptide(L)'
_entity_poly.pdbx_seq_one_letter_code
;GAMASKLRLQLDAHASIHENVRRLLQFTTSIMEANEEGIRKDIDSEFLHDFRVAIRRSRSILRLLNGVFDPEKTAWMLAG
LRELGKRTNDLRDSDVYLLRREEYTSLLPPSLRPALDPFFSDLEADKRLHHRQFCRYLTGREYSGFMTSLKEFIAEGELP
DPETAPLAAEPTGDVAAKTIRKALKKVLVHGRRTGSETSDAELHELRIDCKKLRYLLEFFASLFPPKATAQVLRQMKTLQ
DNLGTFVDLTVQMEFLQSRLETIPADRGGISEAAAIGGLLTTLYRKREKVREHFHEIFSGFDSNETGELFDELLTGLA
;
_entity_poly.pdbx_strand_id   A
#
loop_
_chem_comp.id
_chem_comp.type
_chem_comp.name
_chem_comp.formula
EDO non-polymer 1,2-ETHANEDIOL 'C2 H6 O2'
IPA non-polymer 'ISOPROPYL ALCOHOL' 'C3 H8 O'
SO4 non-polymer 'SULFATE ION' 'O4 S -2'
#
# COMPACT_ATOMS: atom_id res chain seq x y z
N MET A 3 11.85 -4.14 -4.73
CA MET A 3 13.05 -3.45 -4.22
C MET A 3 12.73 -2.02 -3.81
N ALA A 4 11.51 -1.78 -3.34
CA ALA A 4 11.14 -0.47 -2.81
C ALA A 4 10.75 -0.51 -1.34
N SER A 5 10.08 -1.57 -0.90
CA SER A 5 9.70 -1.70 0.50
C SER A 5 10.82 -2.26 1.36
N LYS A 6 11.90 -2.74 0.76
CA LYS A 6 12.99 -3.37 1.50
C LYS A 6 14.18 -2.45 1.73
N LEU A 7 14.14 -1.22 1.23
CA LEU A 7 15.27 -0.32 1.31
C LEU A 7 15.00 0.81 2.29
N ARG A 8 16.02 1.17 3.06
CA ARG A 8 15.91 2.17 4.11
C ARG A 8 16.86 3.31 3.82
N LEU A 9 16.45 4.51 4.21
CA LEU A 9 17.29 5.69 4.12
C LEU A 9 18.12 5.81 5.38
N GLN A 10 19.30 6.41 5.23
CA GLN A 10 20.04 6.91 6.38
C GLN A 10 19.59 8.34 6.63
N LEU A 11 19.01 8.59 7.80
CA LEU A 11 18.50 9.90 8.18
C LEU A 11 19.30 10.45 9.35
N ASP A 12 19.39 11.78 9.41
CA ASP A 12 19.98 12.48 10.55
C ASP A 12 18.86 12.91 11.48
N ALA A 13 18.89 12.40 12.72
CA ALA A 13 17.79 12.69 13.65
C ALA A 13 17.69 14.15 13.99
N HIS A 14 18.80 14.90 13.82
CA HIS A 14 18.85 16.31 14.15
CA HIS A 14 18.86 16.31 14.15
C HIS A 14 18.56 17.21 12.96
N ALA A 15 18.45 16.67 11.76
CA ALA A 15 18.06 17.50 10.63
C ALA A 15 16.56 17.78 10.69
N SER A 16 16.14 18.83 10.01
CA SER A 16 14.71 19.14 10.00
C SER A 16 13.94 18.00 9.33
N ILE A 17 12.70 17.85 9.77
CA ILE A 17 11.83 16.87 9.11
C ILE A 17 11.66 17.22 7.62
N HIS A 18 11.64 18.51 7.28
CA HIS A 18 11.56 18.93 5.89
C HIS A 18 12.70 18.33 5.05
N GLU A 19 13.94 18.44 5.54
CA GLU A 19 15.06 17.85 4.82
C GLU A 19 14.87 16.34 4.68
N ASN A 20 14.46 15.66 5.74
CA ASN A 20 14.40 14.22 5.64
C ASN A 20 13.20 13.71 4.85
N VAL A 21 12.07 14.44 4.85
CA VAL A 21 10.98 13.99 3.97
C VAL A 21 11.33 14.26 2.52
N ARG A 22 12.09 15.33 2.24
CA ARG A 22 12.53 15.50 0.86
C ARG A 22 13.43 14.36 0.44
N ARG A 23 14.29 13.88 1.35
CA ARG A 23 15.13 12.74 0.99
C ARG A 23 14.28 11.50 0.73
N LEU A 24 13.20 11.32 1.50
CA LEU A 24 12.27 10.23 1.25
C LEU A 24 11.72 10.30 -0.16
N LEU A 25 11.22 11.47 -0.56
CA LEU A 25 10.62 11.66 -1.87
C LEU A 25 11.64 11.57 -3.00
N GLN A 26 12.88 12.03 -2.79
CA GLN A 26 13.91 11.75 -3.78
C GLN A 26 14.09 10.25 -3.94
N PHE A 27 14.10 9.53 -2.81
CA PHE A 27 14.20 8.07 -2.85
C PHE A 27 13.02 7.45 -3.61
N THR A 28 11.79 7.81 -3.24
CA THR A 28 10.65 7.12 -3.86
C THR A 28 10.49 7.50 -5.31
N THR A 29 10.73 8.76 -5.66
CA THR A 29 10.67 9.10 -7.08
C THR A 29 11.76 8.40 -7.88
N SER A 30 12.95 8.21 -7.31
CA SER A 30 14.01 7.48 -8.00
CA SER A 30 14.02 7.46 -7.99
C SER A 30 13.60 6.03 -8.26
N ILE A 31 12.94 5.40 -7.29
CA ILE A 31 12.40 4.05 -7.50
C ILE A 31 11.37 4.04 -8.62
N MET A 32 10.48 5.02 -8.62
CA MET A 32 9.51 5.14 -9.72
C MET A 32 10.22 5.14 -11.07
N GLU A 33 11.13 6.09 -11.26
CA GLU A 33 11.80 6.19 -12.55
C GLU A 33 12.61 4.95 -12.88
N ALA A 34 13.19 4.30 -11.87
CA ALA A 34 14.04 3.13 -12.12
C ALA A 34 13.23 1.96 -12.66
N ASN A 35 11.91 1.95 -12.41
CA ASN A 35 11.02 0.87 -12.79
C ASN A 35 10.29 1.11 -14.11
N GLU A 36 10.42 2.31 -14.70
CA GLU A 36 9.75 2.61 -15.96
C GLU A 36 10.16 1.65 -17.07
N GLU A 37 11.47 1.42 -17.20
CA GLU A 37 11.92 0.60 -18.32
C GLU A 37 11.33 -0.80 -18.23
N GLY A 38 11.31 -1.40 -17.04
CA GLY A 38 10.75 -2.73 -16.90
C GLY A 38 9.26 -2.78 -17.16
N ILE A 39 8.53 -1.75 -16.73
CA ILE A 39 7.12 -1.63 -17.09
C ILE A 39 6.96 -1.57 -18.61
N ARG A 40 7.70 -0.68 -19.26
CA ARG A 40 7.58 -0.50 -20.70
C ARG A 40 7.90 -1.78 -21.45
N LYS A 41 8.99 -2.45 -21.09
CA LYS A 41 9.34 -3.70 -21.76
C LYS A 41 8.52 -4.89 -21.29
N ASP A 42 7.58 -4.68 -20.37
CA ASP A 42 6.74 -5.75 -19.81
C ASP A 42 7.59 -6.96 -19.40
N ILE A 43 8.66 -6.71 -18.65
CA ILE A 43 9.56 -7.78 -18.25
C ILE A 43 8.89 -8.67 -17.21
N ASP A 44 8.31 -8.06 -16.20
CA ASP A 44 7.69 -8.80 -15.11
C ASP A 44 6.74 -7.89 -14.36
N SER A 45 5.78 -8.52 -13.68
CA SER A 45 4.81 -7.77 -12.89
C SER A 45 5.46 -7.00 -11.74
N GLU A 46 6.66 -7.38 -11.30
CA GLU A 46 7.23 -6.75 -10.12
C GLU A 46 7.55 -5.27 -10.35
N PHE A 47 7.82 -4.87 -11.60
CA PHE A 47 8.20 -3.48 -11.83
C PHE A 47 7.05 -2.53 -11.53
N LEU A 48 5.85 -2.86 -12.03
CA LEU A 48 4.69 -2.02 -11.74
C LEU A 48 4.35 -2.07 -10.25
N HIS A 49 4.53 -3.22 -9.62
CA HIS A 49 4.28 -3.33 -8.19
C HIS A 49 5.18 -2.40 -7.39
N ASP A 50 6.50 -2.37 -7.68
CA ASP A 50 7.37 -1.47 -6.91
C ASP A 50 7.07 -0.02 -7.21
N PHE A 51 6.74 0.29 -8.47
CA PHE A 51 6.29 1.63 -8.85
C PHE A 51 5.11 2.03 -7.99
N ARG A 52 4.11 1.13 -7.86
CA ARG A 52 2.94 1.44 -7.04
C ARG A 52 3.26 1.56 -5.56
N VAL A 53 4.11 0.67 -5.02
CA VAL A 53 4.51 0.74 -3.63
C VAL A 53 5.15 2.10 -3.32
N ALA A 54 6.03 2.56 -4.22
CA ALA A 54 6.69 3.85 -3.99
C ALA A 54 5.68 4.98 -3.94
N ILE A 55 4.70 4.96 -4.86
CA ILE A 55 3.61 5.94 -4.85
C ILE A 55 2.84 5.88 -3.55
N ARG A 56 2.39 4.68 -3.18
CA ARG A 56 1.56 4.52 -1.99
C ARG A 56 2.25 4.98 -0.71
N ARG A 57 3.52 4.63 -0.54
CA ARG A 57 4.26 5.06 0.65
C ARG A 57 4.50 6.56 0.64
N SER A 58 4.79 7.14 -0.54
CA SER A 58 4.92 8.59 -0.66
C SER A 58 3.64 9.29 -0.23
N ARG A 59 2.49 8.89 -0.80
CA ARG A 59 1.21 9.52 -0.46
CA ARG A 59 1.24 9.55 -0.45
C ARG A 59 0.92 9.37 1.03
N SER A 60 1.13 8.18 1.57
CA SER A 60 0.73 7.94 2.94
C SER A 60 1.55 8.76 3.93
N ILE A 61 2.86 8.84 3.72
CA ILE A 61 3.72 9.68 4.56
C ILE A 61 3.39 11.16 4.39
N LEU A 62 3.18 11.60 3.15
CA LEU A 62 2.79 13.00 2.96
C LEU A 62 1.55 13.34 3.77
N ARG A 63 0.56 12.44 3.83
CA ARG A 63 -0.62 12.73 4.66
C ARG A 63 -0.32 12.65 6.15
N LEU A 64 0.45 11.65 6.58
CA LEU A 64 0.76 11.51 8.01
C LEU A 64 1.54 12.71 8.51
N LEU A 65 2.36 13.29 7.66
CA LEU A 65 3.23 14.40 8.05
C LEU A 65 2.75 15.70 7.41
N ASN A 66 1.44 15.83 7.28
CA ASN A 66 0.84 17.05 6.74
C ASN A 66 1.35 18.25 7.51
N GLY A 67 1.82 19.26 6.81
CA GLY A 67 2.40 20.41 7.47
C GLY A 67 3.90 20.55 7.29
N VAL A 68 4.58 19.51 6.78
CA VAL A 68 6.01 19.63 6.45
C VAL A 68 6.19 20.51 5.21
N PHE A 69 5.20 20.50 4.33
CA PHE A 69 5.20 21.30 3.10
C PHE A 69 4.01 22.23 3.13
N ASP A 70 4.07 23.29 2.30
CA ASP A 70 2.96 24.20 2.12
C ASP A 70 1.70 23.44 1.67
N PRO A 71 0.51 23.93 2.00
CA PRO A 71 -0.72 23.17 1.70
C PRO A 71 -0.93 23.00 0.20
N GLU A 72 -0.57 24.02 -0.59
CA GLU A 72 -0.82 23.93 -2.02
C GLU A 72 0.10 22.89 -2.66
N LYS A 73 1.38 22.93 -2.29
CA LYS A 73 2.35 21.93 -2.77
C LYS A 73 1.98 20.54 -2.31
N THR A 74 1.52 20.41 -1.06
CA THR A 74 1.11 19.11 -0.53
C THR A 74 -0.06 18.57 -1.35
N ALA A 75 -1.09 19.39 -1.56
CA ALA A 75 -2.23 18.94 -2.36
C ALA A 75 -1.79 18.57 -3.76
N TRP A 76 -0.85 19.35 -4.31
CA TRP A 76 -0.43 19.09 -5.69
C TRP A 76 0.27 17.76 -5.79
N MET A 77 1.20 17.50 -4.85
CA MET A 77 1.90 16.22 -4.87
C MET A 77 0.94 15.06 -4.66
N LEU A 78 0.02 15.19 -3.68
CA LEU A 78 -0.95 14.13 -3.42
C LEU A 78 -1.85 13.88 -4.62
N ALA A 79 -2.32 14.94 -5.28
CA ALA A 79 -3.22 14.74 -6.41
C ALA A 79 -2.49 14.10 -7.59
N GLY A 80 -1.28 14.56 -7.89
CA GLY A 80 -0.56 13.98 -9.01
C GLY A 80 -0.18 12.54 -8.76
N LEU A 81 0.24 12.24 -7.53
CA LEU A 81 0.58 10.86 -7.19
C LEU A 81 -0.67 9.96 -7.18
N ARG A 82 -1.79 10.48 -6.68
CA ARG A 82 -3.05 9.71 -6.71
C ARG A 82 -3.46 9.39 -8.15
N GLU A 83 -3.46 10.41 -9.00
CA GLU A 83 -3.81 10.22 -10.41
C GLU A 83 -2.88 9.22 -11.07
N LEU A 84 -1.59 9.28 -10.75
CA LEU A 84 -0.63 8.33 -11.31
C LEU A 84 -0.90 6.91 -10.86
N GLY A 85 -1.15 6.73 -9.57
CA GLY A 85 -1.48 5.41 -9.08
C GLY A 85 -2.74 4.86 -9.71
N LYS A 86 -3.77 5.71 -9.85
CA LYS A 86 -5.04 5.24 -10.38
C LYS A 86 -4.86 4.79 -11.82
N ARG A 87 -3.95 5.45 -12.53
CA ARG A 87 -3.62 5.11 -13.91
C ARG A 87 -3.00 3.71 -14.02
N THR A 88 -2.49 3.17 -12.92
CA THR A 88 -1.88 1.83 -12.97
C THR A 88 -2.85 0.72 -12.55
N ASN A 89 -4.06 1.07 -12.09
CA ASN A 89 -4.93 0.06 -11.45
C ASN A 89 -5.35 -1.04 -12.40
N ASP A 90 -5.84 -0.67 -13.59
CA ASP A 90 -6.34 -1.70 -14.50
C ASP A 90 -5.22 -2.65 -14.92
N LEU A 91 -4.05 -2.09 -15.23
CA LEU A 91 -2.91 -2.91 -15.63
C LEU A 91 -2.48 -3.82 -14.48
N ARG A 92 -2.41 -3.26 -13.27
CA ARG A 92 -2.05 -4.05 -12.10
C ARG A 92 -3.03 -5.19 -11.87
N ASP A 93 -4.34 -4.92 -12.02
CA ASP A 93 -5.34 -5.99 -11.82
C ASP A 93 -5.14 -7.13 -12.81
N SER A 94 -4.90 -6.79 -14.08
CA SER A 94 -4.68 -7.82 -15.10
C SER A 94 -3.55 -8.74 -14.68
N ASP A 95 -2.41 -8.14 -14.27
CA ASP A 95 -1.24 -8.91 -13.86
C ASP A 95 -1.57 -9.81 -12.70
N VAL A 96 -2.19 -9.25 -11.67
CA VAL A 96 -2.42 -9.98 -10.43
C VAL A 96 -3.34 -11.19 -10.65
N TYR A 97 -4.42 -11.03 -11.41
CA TYR A 97 -5.36 -12.15 -11.56
C TYR A 97 -4.85 -13.15 -12.58
N LEU A 98 -4.04 -12.71 -13.55
CA LEU A 98 -3.35 -13.67 -14.40
C LEU A 98 -2.37 -14.53 -13.57
N LEU A 99 -1.70 -13.92 -12.59
CA LEU A 99 -0.76 -14.69 -11.76
C LEU A 99 -1.50 -15.71 -10.89
N ARG A 100 -2.76 -15.44 -10.57
CA ARG A 100 -3.60 -16.33 -9.77
C ARG A 100 -4.28 -17.43 -10.58
N ARG A 101 -3.98 -17.54 -11.87
CA ARG A 101 -4.75 -18.45 -12.74
C ARG A 101 -4.69 -19.89 -12.24
N GLU A 102 -3.50 -20.42 -12.01
CA GLU A 102 -3.42 -21.83 -11.60
CA GLU A 102 -3.42 -21.82 -11.60
C GLU A 102 -3.97 -22.03 -10.19
N GLU A 103 -3.67 -21.10 -9.27
CA GLU A 103 -4.28 -21.12 -7.96
C GLU A 103 -5.81 -21.20 -8.07
N TYR A 104 -6.42 -20.24 -8.78
CA TYR A 104 -7.88 -20.23 -8.93
C TYR A 104 -8.40 -21.52 -9.59
N THR A 105 -7.72 -21.98 -10.64
CA THR A 105 -8.18 -23.17 -11.33
C THR A 105 -8.19 -24.38 -10.41
N SER A 106 -7.18 -24.49 -9.53
CA SER A 106 -7.07 -25.66 -8.66
C SER A 106 -8.17 -25.69 -7.60
N LEU A 107 -8.81 -24.55 -7.31
CA LEU A 107 -9.86 -24.52 -6.30
C LEU A 107 -11.19 -25.11 -6.78
N LEU A 108 -11.38 -25.25 -8.07
CA LEU A 108 -12.70 -25.56 -8.61
C LEU A 108 -12.83 -27.03 -8.94
N PRO A 109 -14.07 -27.54 -8.96
CA PRO A 109 -14.30 -28.88 -9.51
C PRO A 109 -13.77 -28.96 -10.93
N PRO A 110 -13.30 -30.13 -11.35
CA PRO A 110 -12.99 -30.34 -12.76
C PRO A 110 -14.05 -29.84 -13.76
N SER A 111 -15.35 -30.01 -13.50
CA SER A 111 -16.35 -29.60 -14.47
C SER A 111 -16.37 -28.09 -14.71
N LEU A 112 -15.89 -27.29 -13.75
CA LEU A 112 -15.95 -25.84 -13.85
C LEU A 112 -14.63 -25.23 -14.32
N ARG A 113 -13.56 -26.02 -14.32
CA ARG A 113 -12.26 -25.47 -14.71
C ARG A 113 -12.23 -24.97 -16.15
N PRO A 114 -12.79 -25.67 -17.15
CA PRO A 114 -12.68 -25.16 -18.54
C PRO A 114 -13.32 -23.81 -18.75
N ALA A 115 -14.40 -23.49 -18.02
CA ALA A 115 -15.06 -22.19 -18.21
C ALA A 115 -14.17 -21.03 -17.81
N LEU A 116 -13.10 -21.26 -17.03
CA LEU A 116 -12.18 -20.18 -16.75
C LEU A 116 -11.26 -19.86 -17.91
N ASP A 117 -11.10 -20.75 -18.90
CA ASP A 117 -10.11 -20.42 -19.93
C ASP A 117 -10.48 -19.15 -20.68
N PRO A 118 -11.72 -18.93 -21.13
CA PRO A 118 -12.01 -17.65 -21.80
C PRO A 118 -11.87 -16.46 -20.87
N PHE A 119 -12.18 -16.63 -19.59
CA PHE A 119 -11.94 -15.61 -18.58
C PHE A 119 -10.49 -15.14 -18.59
N PHE A 120 -9.55 -16.08 -18.55
CA PHE A 120 -8.16 -15.67 -18.53
C PHE A 120 -7.67 -15.19 -19.87
N SER A 121 -8.22 -15.69 -20.99
CA SER A 121 -7.82 -15.13 -22.27
C SER A 121 -8.24 -13.67 -22.37
N ASP A 122 -9.40 -13.34 -21.81
CA ASP A 122 -9.87 -11.97 -21.80
C ASP A 122 -9.02 -11.08 -20.88
N LEU A 123 -8.57 -11.62 -19.73
CA LEU A 123 -7.61 -10.88 -18.92
C LEU A 123 -6.33 -10.60 -19.69
N GLU A 124 -5.82 -11.57 -20.45
CA GLU A 124 -4.59 -11.33 -21.22
C GLU A 124 -4.80 -10.23 -22.23
N ALA A 125 -5.96 -10.21 -22.88
CA ALA A 125 -6.27 -9.15 -23.84
C ALA A 125 -6.36 -7.80 -23.15
N ASP A 126 -6.98 -7.76 -21.97
CA ASP A 126 -7.00 -6.54 -21.15
C ASP A 126 -5.59 -6.09 -20.80
N LYS A 127 -4.74 -7.04 -20.40
CA LYS A 127 -3.38 -6.70 -20.04
C LYS A 127 -2.67 -5.99 -21.19
N ARG A 128 -2.78 -6.53 -22.42
CA ARG A 128 -2.10 -5.91 -23.55
C ARG A 128 -2.64 -4.52 -23.80
N LEU A 129 -3.97 -4.37 -23.77
CA LEU A 129 -4.59 -3.06 -23.87
C LEU A 129 -4.05 -2.10 -22.81
N HIS A 130 -4.12 -2.50 -21.53
CA HIS A 130 -3.74 -1.54 -20.50
C HIS A 130 -2.23 -1.31 -20.48
N HIS A 131 -1.43 -2.29 -20.90
CA HIS A 131 0.00 -2.04 -21.02
C HIS A 131 0.32 -1.00 -22.09
N ARG A 132 -0.31 -1.12 -23.27
CA ARG A 132 -0.11 -0.12 -24.32
C ARG A 132 -0.53 1.26 -23.85
N GLN A 133 -1.72 1.34 -23.24
CA GLN A 133 -2.21 2.61 -22.71
C GLN A 133 -1.26 3.21 -21.69
N PHE A 134 -0.75 2.40 -20.76
CA PHE A 134 0.10 2.99 -19.73
C PHE A 134 1.49 3.33 -20.25
N CYS A 135 1.96 2.63 -21.29
CA CYS A 135 3.21 3.02 -21.92
C CYS A 135 3.10 4.32 -22.69
N ARG A 136 1.98 4.58 -23.38
CA ARG A 136 1.82 5.89 -24.00
C ARG A 136 1.84 6.98 -22.93
N TYR A 137 1.17 6.72 -21.81
CA TYR A 137 1.21 7.62 -20.68
C TYR A 137 2.63 7.86 -20.20
N LEU A 138 3.38 6.78 -19.94
CA LEU A 138 4.75 6.93 -19.43
C LEU A 138 5.64 7.71 -20.39
N THR A 139 5.49 7.50 -21.68
CA THR A 139 6.31 8.24 -22.63
C THR A 139 5.73 9.60 -22.98
N GLY A 140 4.73 10.05 -22.28
CA GLY A 140 4.07 11.28 -22.65
C GLY A 140 4.64 12.49 -21.93
N ARG A 141 4.34 13.65 -22.49
CA ARG A 141 4.83 14.92 -21.93
CA ARG A 141 4.84 14.91 -21.93
C ARG A 141 4.20 15.23 -20.58
N GLU A 142 2.92 14.83 -20.40
CA GLU A 142 2.24 15.18 -19.15
C GLU A 142 2.87 14.46 -17.96
N TYR A 143 3.18 13.18 -18.14
CA TYR A 143 3.93 12.45 -17.11
C TYR A 143 5.34 13.01 -16.94
N SER A 144 6.04 13.20 -18.04
CA SER A 144 7.39 13.74 -17.95
C SER A 144 7.36 15.07 -17.20
N GLY A 145 6.37 15.92 -17.50
CA GLY A 145 6.31 17.23 -16.88
C GLY A 145 6.09 17.16 -15.38
N PHE A 146 5.13 16.33 -14.94
CA PHE A 146 4.88 16.17 -13.52
C PHE A 146 6.11 15.67 -12.79
N MET A 147 6.76 14.63 -13.33
CA MET A 147 7.94 14.08 -12.63
C MET A 147 9.09 15.09 -12.60
N THR A 148 9.26 15.83 -13.67
CA THR A 148 10.28 16.88 -13.67
C THR A 148 9.96 17.95 -12.62
N SER A 149 8.70 18.41 -12.58
CA SER A 149 8.35 19.41 -11.58
C SER A 149 8.50 18.86 -10.18
N LEU A 150 8.13 17.58 -9.97
CA LEU A 150 8.23 17.00 -8.62
C LEU A 150 9.68 16.89 -8.17
N LYS A 151 10.57 16.40 -9.03
CA LYS A 151 11.97 16.32 -8.59
C LYS A 151 12.59 17.70 -8.39
N GLU A 152 12.18 18.70 -9.18
CA GLU A 152 12.67 20.05 -8.93
C GLU A 152 12.22 20.56 -7.56
N PHE A 153 10.94 20.36 -7.23
CA PHE A 153 10.43 20.84 -5.94
C PHE A 153 11.14 20.15 -4.77
N ILE A 154 11.30 18.83 -4.83
CA ILE A 154 11.92 18.15 -3.70
C ILE A 154 13.40 18.45 -3.59
N ALA A 155 14.03 18.96 -4.66
CA ALA A 155 15.41 19.43 -4.60
C ALA A 155 15.56 20.81 -3.98
N GLU A 156 14.45 21.54 -3.82
CA GLU A 156 14.45 22.89 -3.23
C GLU A 156 14.60 22.77 -1.72
N GLY A 157 15.82 23.01 -1.23
CA GLY A 157 16.14 22.81 0.17
C GLY A 157 15.77 23.94 1.09
N GLU A 158 15.30 25.07 0.56
CA GLU A 158 14.96 26.16 1.44
C GLU A 158 13.74 25.76 2.24
N LEU A 159 13.76 26.07 3.54
CA LEU A 159 12.59 25.79 4.37
C LEU A 159 11.41 26.65 3.95
N PRO A 160 10.20 26.10 3.98
CA PRO A 160 9.00 26.85 3.60
C PRO A 160 8.62 27.82 4.71
N ASP A 161 7.63 28.65 4.39
CA ASP A 161 7.05 29.58 5.34
C ASP A 161 6.56 28.81 6.57
N PRO A 162 7.14 29.04 7.76
CA PRO A 162 6.67 28.29 8.95
C PRO A 162 5.24 28.59 9.31
N GLU A 163 4.68 29.72 8.87
CA GLU A 163 3.27 29.94 9.19
C GLU A 163 2.33 29.12 8.32
N THR A 164 2.78 28.64 7.17
CA THR A 164 1.92 27.82 6.33
C THR A 164 2.36 26.37 6.30
N ALA A 165 3.60 26.10 6.70
CA ALA A 165 4.15 24.76 6.82
C ALA A 165 4.76 24.64 8.23
N PRO A 166 3.91 24.54 9.25
CA PRO A 166 4.39 24.65 10.64
C PRO A 166 5.26 23.49 11.06
N LEU A 167 5.22 22.35 10.38
CA LEU A 167 5.99 21.21 10.85
C LEU A 167 7.40 21.18 10.25
N ALA A 168 7.63 21.94 9.19
CA ALA A 168 8.81 21.77 8.35
C ALA A 168 10.11 21.90 9.15
N ALA A 169 10.20 22.91 10.01
CA ALA A 169 11.46 23.19 10.72
C ALA A 169 11.66 22.31 11.96
N GLU A 170 10.71 21.42 12.28
CA GLU A 170 10.81 20.62 13.49
CA GLU A 170 10.82 20.63 13.51
C GLU A 170 11.91 19.58 13.35
N PRO A 171 12.67 19.29 14.40
CA PRO A 171 13.68 18.23 14.32
C PRO A 171 13.02 16.90 14.02
N THR A 172 13.72 16.07 13.24
CA THR A 172 13.13 14.82 12.76
C THR A 172 12.78 13.89 13.92
N GLY A 173 13.65 13.80 14.93
CA GLY A 173 13.39 12.92 16.06
C GLY A 173 12.08 13.23 16.76
N ASP A 174 11.79 14.52 16.97
CA ASP A 174 10.54 14.91 17.61
C ASP A 174 9.32 14.45 16.82
N VAL A 175 9.33 14.73 15.50
CA VAL A 175 8.21 14.36 14.64
C VAL A 175 8.05 12.85 14.60
N ALA A 176 9.16 12.11 14.52
CA ALA A 176 9.08 10.66 14.55
C ALA A 176 8.40 10.16 15.82
N ALA A 177 8.88 10.63 16.99
CA ALA A 177 8.30 10.20 18.26
C ALA A 177 6.79 10.51 18.30
N LYS A 178 6.41 11.72 17.93
CA LYS A 178 5.01 12.09 18.05
C LYS A 178 4.12 11.30 17.11
N THR A 179 4.55 11.12 15.84
CA THR A 179 3.68 10.45 14.87
C THR A 179 3.62 8.95 15.09
N ILE A 180 4.74 8.31 15.48
CA ILE A 180 4.70 6.90 15.81
C ILE A 180 3.82 6.64 17.03
N ARG A 181 3.94 7.47 18.08
CA ARG A 181 3.05 7.28 19.22
C ARG A 181 1.60 7.45 18.81
N LYS A 182 1.29 8.47 18.00
CA LYS A 182 -0.07 8.70 17.55
C LYS A 182 -0.60 7.52 16.74
N ALA A 183 0.24 6.97 15.86
CA ALA A 183 -0.21 5.88 15.01
C ALA A 183 -0.42 4.60 15.82
N LEU A 184 0.45 4.35 16.79
CA LEU A 184 0.26 3.21 17.69
C LEU A 184 -1.03 3.33 18.49
N LYS A 185 -1.26 4.50 19.09
CA LYS A 185 -2.50 4.69 19.84
C LYS A 185 -3.71 4.43 18.96
N LYS A 186 -3.65 4.85 17.69
CA LYS A 186 -4.79 4.67 16.81
C LYS A 186 -5.06 3.19 16.52
N VAL A 187 -4.01 2.39 16.32
CA VAL A 187 -4.18 0.93 16.19
C VAL A 187 -4.82 0.35 17.46
N LEU A 188 -4.30 0.71 18.63
CA LEU A 188 -4.76 0.08 19.86
C LEU A 188 -6.20 0.46 20.17
N VAL A 189 -6.51 1.76 20.10
CA VAL A 189 -7.87 2.22 20.35
C VAL A 189 -8.86 1.52 19.43
N HIS A 190 -8.60 1.56 18.12
CA HIS A 190 -9.52 0.99 17.14
C HIS A 190 -9.64 -0.52 17.30
N GLY A 191 -8.52 -1.20 17.56
CA GLY A 191 -8.59 -2.65 17.78
C GLY A 191 -9.37 -3.01 19.04
N ARG A 192 -9.23 -2.20 20.09
CA ARG A 192 -10.01 -2.43 21.32
C ARG A 192 -11.49 -2.14 21.09
N ARG A 193 -11.81 -1.14 20.25
CA ARG A 193 -13.19 -0.81 19.93
C ARG A 193 -13.84 -1.95 19.17
N THR A 194 -13.04 -2.73 18.46
CA THR A 194 -13.55 -3.87 17.72
C THR A 194 -14.13 -4.88 18.71
N GLY A 195 -15.44 -4.81 18.94
CA GLY A 195 -16.07 -5.76 19.82
C GLY A 195 -16.15 -7.14 19.19
N SER A 196 -17.32 -7.76 19.28
CA SER A 196 -17.52 -9.08 18.70
C SER A 196 -17.96 -9.03 17.24
N GLU A 197 -18.55 -7.91 16.79
CA GLU A 197 -19.07 -7.84 15.42
C GLU A 197 -17.96 -7.99 14.39
N THR A 198 -16.76 -7.48 14.69
CA THR A 198 -15.59 -7.64 13.82
C THR A 198 -16.00 -7.36 12.38
N SER A 199 -16.49 -6.14 12.13
CA SER A 199 -17.09 -5.80 10.85
C SER A 199 -16.03 -5.60 9.77
N ASP A 200 -16.48 -5.67 8.52
CA ASP A 200 -15.59 -5.42 7.40
C ASP A 200 -14.96 -4.04 7.50
N ALA A 201 -15.78 -3.04 7.83
CA ALA A 201 -15.30 -1.66 7.93
C ALA A 201 -14.21 -1.52 8.98
N GLU A 202 -14.43 -2.12 10.16
CA GLU A 202 -13.45 -2.07 11.24
C GLU A 202 -12.13 -2.67 10.82
N LEU A 203 -12.17 -3.85 10.19
CA LEU A 203 -10.92 -4.49 9.79
C LEU A 203 -10.22 -3.73 8.67
N HIS A 204 -10.99 -3.21 7.70
CA HIS A 204 -10.41 -2.41 6.64
C HIS A 204 -9.67 -1.20 7.22
N GLU A 205 -10.29 -0.52 8.19
CA GLU A 205 -9.67 0.65 8.81
C GLU A 205 -8.41 0.26 9.57
N LEU A 206 -8.51 -0.82 10.35
CA LEU A 206 -7.38 -1.20 11.19
C LEU A 206 -6.20 -1.63 10.33
N ARG A 207 -6.47 -2.27 9.18
CA ARG A 207 -5.38 -2.59 8.26
C ARG A 207 -4.64 -1.32 7.85
N ILE A 208 -5.38 -0.27 7.51
CA ILE A 208 -4.73 0.99 7.15
C ILE A 208 -4.01 1.60 8.35
N ASP A 209 -4.62 1.52 9.55
CA ASP A 209 -3.94 2.02 10.76
C ASP A 209 -2.58 1.35 10.96
N CYS A 210 -2.55 0.03 10.77
CA CYS A 210 -1.29 -0.71 10.89
C CYS A 210 -0.31 -0.35 9.80
N LYS A 211 -0.79 -0.17 8.57
CA LYS A 211 0.11 0.25 7.48
C LYS A 211 0.77 1.60 7.79
N LYS A 212 -0.02 2.58 8.23
CA LYS A 212 0.54 3.89 8.56
C LYS A 212 1.63 3.78 9.63
N LEU A 213 1.38 2.95 10.65
CA LEU A 213 2.37 2.73 11.69
C LEU A 213 3.64 2.10 11.13
N ARG A 214 3.48 1.08 10.29
CA ARG A 214 4.61 0.41 9.65
C ARG A 214 5.42 1.37 8.77
N TYR A 215 4.71 2.16 7.95
CA TYR A 215 5.41 3.09 7.07
C TYR A 215 6.25 4.06 7.88
N LEU A 216 5.68 4.59 8.98
CA LEU A 216 6.45 5.50 9.82
C LEU A 216 7.68 4.82 10.39
N LEU A 217 7.54 3.58 10.88
CA LEU A 217 8.67 2.87 11.46
C LEU A 217 9.76 2.64 10.41
N GLU A 218 9.36 2.28 9.19
CA GLU A 218 10.34 2.02 8.15
C GLU A 218 11.00 3.32 7.68
N PHE A 219 10.24 4.39 7.54
CA PHE A 219 10.84 5.69 7.21
C PHE A 219 11.86 6.14 8.27
N PHE A 220 11.50 6.04 9.55
CA PHE A 220 12.34 6.56 10.61
C PHE A 220 13.29 5.52 11.20
N ALA A 221 13.41 4.34 10.56
CA ALA A 221 14.16 3.23 11.13
C ALA A 221 15.56 3.65 11.56
N SER A 222 16.27 4.38 10.69
CA SER A 222 17.65 4.68 11.00
C SER A 222 17.83 5.60 12.21
N LEU A 223 16.75 6.12 12.80
CA LEU A 223 16.88 6.97 13.98
C LEU A 223 17.01 6.17 15.26
N PHE A 224 16.73 4.87 15.20
CA PHE A 224 16.61 4.03 16.38
C PHE A 224 17.65 2.93 16.31
N PRO A 225 17.97 2.30 17.44
CA PRO A 225 18.79 1.08 17.41
C PRO A 225 18.13 0.03 16.52
N PRO A 226 18.89 -0.60 15.61
CA PRO A 226 18.26 -1.51 14.64
C PRO A 226 17.49 -2.66 15.28
N LYS A 227 17.99 -3.24 16.37
CA LYS A 227 17.26 -4.32 17.03
C LYS A 227 15.89 -3.84 17.50
N ALA A 228 15.82 -2.59 17.97
CA ALA A 228 14.58 -2.08 18.55
C ALA A 228 13.51 -1.89 17.48
N THR A 229 13.90 -1.29 16.35
CA THR A 229 13.02 -1.22 15.19
C THR A 229 12.61 -2.60 14.72
N ALA A 230 13.56 -3.50 14.56
CA ALA A 230 13.22 -4.83 14.06
C ALA A 230 12.25 -5.55 14.99
N GLN A 231 12.43 -5.40 16.31
CA GLN A 231 11.55 -6.08 17.23
C GLN A 231 10.13 -5.52 17.19
N VAL A 232 9.98 -4.21 17.01
CA VAL A 232 8.65 -3.64 16.89
C VAL A 232 7.96 -4.09 15.61
N LEU A 233 8.69 -4.14 14.49
CA LEU A 233 8.13 -4.64 13.25
C LEU A 233 7.71 -6.11 13.37
N ARG A 234 8.53 -6.93 14.02
CA ARG A 234 8.18 -8.34 14.20
C ARG A 234 6.92 -8.46 15.05
N GLN A 235 6.80 -7.63 16.07
CA GLN A 235 5.67 -7.71 16.99
C GLN A 235 4.35 -7.50 16.26
N MET A 236 4.38 -6.67 15.21
CA MET A 236 3.22 -6.27 14.41
C MET A 236 2.85 -7.27 13.33
N LYS A 237 3.72 -8.24 13.06
CA LYS A 237 3.63 -8.97 11.79
C LYS A 237 2.41 -9.87 11.72
N THR A 238 2.16 -10.64 12.77
CA THR A 238 1.04 -11.57 12.71
C THR A 238 -0.28 -10.82 12.55
N LEU A 239 -0.45 -9.72 13.30
CA LEU A 239 -1.63 -8.89 13.15
C LEU A 239 -1.76 -8.31 11.74
N GLN A 240 -0.66 -7.73 11.23
CA GLN A 240 -0.69 -7.23 9.86
C GLN A 240 -1.00 -8.32 8.83
N ASP A 241 -0.48 -9.53 9.03
CA ASP A 241 -0.78 -10.61 8.08
C ASP A 241 -2.26 -10.98 8.12
N ASN A 242 -2.87 -10.96 9.32
CA ASN A 242 -4.30 -11.28 9.43
C ASN A 242 -5.16 -10.23 8.75
N LEU A 243 -4.90 -8.96 9.04
CA LEU A 243 -5.65 -7.87 8.40
C LEU A 243 -5.38 -7.83 6.90
N GLY A 244 -4.14 -8.11 6.50
CA GLY A 244 -3.79 -8.05 5.09
C GLY A 244 -4.45 -9.13 4.26
N THR A 245 -4.48 -10.36 4.78
CA THR A 245 -5.20 -11.42 4.11
C THR A 245 -6.71 -11.15 4.09
N PHE A 246 -7.27 -10.68 5.22
CA PHE A 246 -8.70 -10.35 5.24
C PHE A 246 -9.06 -9.37 4.11
N VAL A 247 -8.32 -8.27 4.02
CA VAL A 247 -8.64 -7.27 3.02
C VAL A 247 -8.30 -7.78 1.64
N ASP A 248 -7.19 -8.50 1.49
CA ASP A 248 -6.85 -9.00 0.16
C ASP A 248 -7.92 -9.94 -0.37
N LEU A 249 -8.42 -10.82 0.48
CA LEU A 249 -9.53 -11.67 0.06
C LEU A 249 -10.75 -10.84 -0.29
N THR A 250 -11.03 -9.79 0.47
CA THR A 250 -12.14 -8.87 0.15
C THR A 250 -11.95 -8.27 -1.24
N VAL A 251 -10.74 -7.79 -1.52
CA VAL A 251 -10.47 -7.16 -2.80
C VAL A 251 -10.66 -8.14 -3.93
N GLN A 252 -10.20 -9.38 -3.74
CA GLN A 252 -10.37 -10.39 -4.78
C GLN A 252 -11.85 -10.68 -5.00
N MET A 253 -12.62 -10.80 -3.90
CA MET A 253 -14.07 -10.99 -4.04
C MET A 253 -14.75 -9.82 -4.74
N GLU A 254 -14.34 -8.58 -4.41
CA GLU A 254 -14.91 -7.42 -5.08
C GLU A 254 -14.60 -7.45 -6.58
N PHE A 255 -13.38 -7.84 -6.94
CA PHE A 255 -13.02 -7.92 -8.36
C PHE A 255 -13.86 -8.97 -9.08
N LEU A 256 -14.03 -10.15 -8.47
CA LEU A 256 -14.79 -11.23 -9.09
C LEU A 256 -16.26 -10.89 -9.17
N GLN A 257 -16.79 -10.26 -8.12
CA GLN A 257 -18.16 -9.73 -8.17
C GLN A 257 -18.34 -8.72 -9.31
N SER A 258 -17.38 -7.81 -9.53
CA SER A 258 -17.56 -6.86 -10.62
C SER A 258 -17.53 -7.57 -11.97
N ARG A 259 -16.74 -8.64 -12.10
CA ARG A 259 -16.71 -9.37 -13.36
C ARG A 259 -18.05 -10.07 -13.62
N LEU A 260 -18.72 -10.56 -12.55
CA LEU A 260 -20.04 -11.16 -12.71
C LEU A 260 -21.02 -10.18 -13.32
N GLU A 261 -20.88 -8.91 -12.99
CA GLU A 261 -21.82 -7.93 -13.46
C GLU A 261 -21.74 -7.73 -14.96
N THR A 262 -20.63 -8.13 -15.58
CA THR A 262 -20.39 -7.85 -17.00
C THR A 262 -20.14 -9.12 -17.80
N ILE A 263 -20.26 -10.29 -17.19
CA ILE A 263 -20.31 -11.55 -17.94
C ILE A 263 -21.42 -11.49 -18.98
N PRO A 264 -21.21 -12.03 -20.19
CA PRO A 264 -22.30 -12.04 -21.16
C PRO A 264 -23.49 -12.85 -20.66
N ALA A 265 -24.69 -12.32 -20.90
CA ALA A 265 -25.94 -12.98 -20.53
C ALA A 265 -26.31 -13.96 -21.64
N ASP A 266 -25.55 -15.04 -21.72
CA ASP A 266 -25.78 -16.08 -22.71
C ASP A 266 -25.15 -17.39 -22.21
N ARG A 267 -25.19 -18.43 -23.04
CA ARG A 267 -24.92 -19.78 -22.53
C ARG A 267 -23.47 -19.94 -22.10
N GLY A 268 -22.53 -19.37 -22.86
CA GLY A 268 -21.14 -19.41 -22.42
C GLY A 268 -20.92 -18.60 -21.16
N GLY A 269 -21.67 -17.51 -21.00
CA GLY A 269 -21.57 -16.77 -19.76
C GLY A 269 -22.01 -17.55 -18.53
N ILE A 270 -23.01 -18.44 -18.70
CA ILE A 270 -23.53 -19.25 -17.58
C ILE A 270 -22.43 -20.09 -16.96
N SER A 271 -21.66 -20.81 -17.80
CA SER A 271 -20.57 -21.63 -17.28
C SER A 271 -19.51 -20.77 -16.60
N GLU A 272 -19.12 -19.65 -17.23
CA GLU A 272 -18.14 -18.78 -16.59
C GLU A 272 -18.64 -18.24 -15.26
N ALA A 273 -19.92 -17.87 -15.19
CA ALA A 273 -20.52 -17.38 -13.96
C ALA A 273 -20.45 -18.42 -12.85
N ALA A 274 -20.68 -19.68 -13.20
CA ALA A 274 -20.62 -20.73 -12.19
C ALA A 274 -19.21 -20.88 -11.64
N ALA A 275 -18.21 -20.81 -12.53
CA ALA A 275 -16.82 -20.86 -12.10
C ALA A 275 -16.47 -19.67 -11.22
N ILE A 276 -16.91 -18.47 -11.63
CA ILE A 276 -16.64 -17.27 -10.83
CA ILE A 276 -16.64 -17.27 -10.84
C ILE A 276 -17.36 -17.34 -9.49
N GLY A 277 -18.59 -17.88 -9.48
CA GLY A 277 -19.28 -18.06 -8.21
C GLY A 277 -18.58 -19.03 -7.29
N GLY A 278 -18.01 -20.09 -7.86
CA GLY A 278 -17.23 -21.02 -7.06
C GLY A 278 -16.03 -20.36 -6.43
N LEU A 279 -15.33 -19.50 -7.17
CA LEU A 279 -14.19 -18.80 -6.61
C LEU A 279 -14.63 -17.83 -5.52
N LEU A 280 -15.67 -17.02 -5.81
CA LEU A 280 -16.19 -16.07 -4.82
C LEU A 280 -16.53 -16.76 -3.52
N THR A 281 -17.25 -17.88 -3.62
CA THR A 281 -17.69 -18.58 -2.43
C THR A 281 -16.50 -19.15 -1.65
N THR A 282 -15.53 -19.72 -2.36
CA THR A 282 -14.38 -20.32 -1.68
C THR A 282 -13.54 -19.23 -1.00
N LEU A 283 -13.36 -18.10 -1.68
CA LEU A 283 -12.63 -16.99 -1.06
C LEU A 283 -13.37 -16.45 0.14
N TYR A 284 -14.70 -16.37 0.04
CA TYR A 284 -15.54 -15.96 1.16
C TYR A 284 -15.35 -16.85 2.37
N ARG A 285 -15.41 -18.17 2.15
CA ARG A 285 -15.20 -19.10 3.26
CA ARG A 285 -15.19 -19.13 3.23
C ARG A 285 -13.82 -18.94 3.87
N LYS A 286 -12.79 -18.77 3.03
CA LYS A 286 -11.44 -18.53 3.54
C LYS A 286 -11.40 -17.26 4.37
N ARG A 287 -12.08 -16.23 3.90
CA ARG A 287 -12.03 -14.95 4.59
C ARG A 287 -12.72 -15.02 5.95
N GLU A 288 -13.80 -15.81 6.08
CA GLU A 288 -14.44 -15.88 7.38
C GLU A 288 -13.54 -16.60 8.38
N LYS A 289 -12.72 -17.56 7.95
CA LYS A 289 -11.80 -18.21 8.88
C LYS A 289 -10.73 -17.25 9.37
N VAL A 290 -10.23 -16.41 8.47
CA VAL A 290 -9.31 -15.33 8.82
C VAL A 290 -9.94 -14.38 9.81
N ARG A 291 -11.20 -13.96 9.53
CA ARG A 291 -11.93 -13.10 10.47
C ARG A 291 -12.00 -13.73 11.85
N GLU A 292 -12.25 -15.06 11.92
CA GLU A 292 -12.35 -15.78 13.19
C GLU A 292 -11.11 -15.66 14.05
N HIS A 293 -9.95 -15.45 13.44
CA HIS A 293 -8.72 -15.40 14.18
C HIS A 293 -8.34 -14.00 14.61
N PHE A 294 -9.04 -12.98 14.12
CA PHE A 294 -8.61 -11.62 14.38
C PHE A 294 -8.58 -11.33 15.87
N HIS A 295 -9.61 -11.71 16.62
CA HIS A 295 -9.69 -11.27 18.01
C HIS A 295 -8.50 -11.77 18.82
N GLU A 296 -8.17 -13.06 18.67
CA GLU A 296 -7.03 -13.61 19.40
C GLU A 296 -5.75 -12.92 18.99
N ILE A 297 -5.53 -12.77 17.69
CA ILE A 297 -4.29 -12.18 17.22
C ILE A 297 -4.15 -10.75 17.71
N PHE A 298 -5.23 -9.97 17.67
CA PHE A 298 -5.13 -8.61 18.19
C PHE A 298 -4.86 -8.60 19.69
N SER A 299 -5.60 -9.41 20.46
CA SER A 299 -5.36 -9.45 21.90
C SER A 299 -3.92 -9.83 22.20
N GLY A 300 -3.32 -10.71 21.39
CA GLY A 300 -1.90 -11.02 21.58
C GLY A 300 -0.98 -9.86 21.21
N PHE A 301 -1.38 -9.03 20.24
CA PHE A 301 -0.61 -7.83 19.95
C PHE A 301 -0.77 -6.78 21.03
N ASP A 302 -1.99 -6.61 21.55
CA ASP A 302 -2.29 -5.60 22.56
C ASP A 302 -1.82 -6.10 23.94
N SER A 303 -0.50 -6.12 24.11
CA SER A 303 0.12 -6.72 25.29
C SER A 303 1.04 -5.71 25.96
N ASN A 304 1.46 -6.05 27.17
CA ASN A 304 2.45 -5.23 27.86
C ASN A 304 3.79 -5.24 27.16
N GLU A 305 4.20 -6.38 26.58
CA GLU A 305 5.47 -6.41 25.87
C GLU A 305 5.48 -5.44 24.70
N THR A 306 4.34 -5.32 24.00
CA THR A 306 4.25 -4.40 22.88
C THR A 306 4.42 -2.96 23.35
N GLY A 307 3.73 -2.59 24.42
CA GLY A 307 3.94 -1.25 24.97
C GLY A 307 5.39 -1.00 25.33
N GLU A 308 6.02 -1.98 25.97
CA GLU A 308 7.41 -1.82 26.41
C GLU A 308 8.36 -1.65 25.23
N LEU A 309 8.14 -2.41 24.15
CA LEU A 309 9.02 -2.33 22.98
C LEU A 309 8.93 -0.96 22.30
N PHE A 310 7.74 -0.38 22.22
CA PHE A 310 7.63 0.97 21.66
C PHE A 310 8.27 1.99 22.59
N ASP A 311 8.13 1.84 23.91
CA ASP A 311 8.85 2.73 24.81
C ASP A 311 10.35 2.64 24.62
N GLU A 312 10.87 1.41 24.46
CA GLU A 312 12.31 1.23 24.28
C GLU A 312 12.77 1.82 22.96
N LEU A 313 11.92 1.70 21.93
CA LEU A 313 12.18 2.30 20.62
C LEU A 313 12.34 3.82 20.74
N LEU A 314 11.41 4.47 21.41
CA LEU A 314 11.33 5.92 21.39
C LEU A 314 12.08 6.58 22.54
N THR A 315 12.87 5.83 23.29
CA THR A 315 13.45 6.35 24.50
C THR A 315 14.46 7.47 24.20
N GLY A 316 14.42 8.52 25.00
CA GLY A 316 15.29 9.68 24.79
C GLY A 316 14.82 10.67 23.76
N LEU A 317 13.61 10.53 23.23
CA LEU A 317 13.07 11.47 22.26
C LEU A 317 11.89 12.23 22.85
N ALA A 318 11.51 13.31 22.18
CA ALA A 318 10.45 14.18 22.65
C ALA A 318 9.53 14.64 21.52
C1 IPA B . -5.15 -6.15 -29.32
C2 IPA B . -4.81 -7.63 -29.46
C3 IPA B . -3.30 -7.85 -29.40
O2 IPA B . -5.43 -8.40 -28.47
C1 IPA C . -1.27 -15.31 -2.16
C2 IPA C . -1.84 -14.51 -3.32
C3 IPA C . -3.09 -15.22 -3.84
O2 IPA C . -2.21 -13.21 -2.90
C1 IPA D . 1.20 15.48 -24.45
C2 IPA D . 1.09 13.95 -24.49
C3 IPA D . 1.08 13.42 -23.07
O2 IPA D . 2.21 13.43 -25.18
C1 IPA E . -9.84 -4.67 -17.05
C2 IPA E . -8.62 -5.21 -16.31
C3 IPA E . -8.61 -6.74 -16.28
O2 IPA E . -8.63 -4.73 -14.99
C1 IPA F . 0.25 -23.36 -1.88
C2 IPA F . -0.54 -23.58 -3.17
C3 IPA F . -1.25 -24.94 -3.16
O2 IPA F . 0.21 -23.30 -4.36
C1 IPA G . 5.71 -8.38 -7.36
C2 IPA G . 4.47 -9.28 -7.44
C3 IPA G . 3.54 -9.02 -6.26
O2 IPA G . 3.78 -9.08 -8.67
C1 EDO H . -19.96 -3.95 6.97
O1 EDO H . -18.82 -3.25 7.54
C2 EDO H . -20.44 -5.14 7.81
O2 EDO H . -19.51 -6.23 7.78
C1 EDO I . 11.40 32.83 5.32
O1 EDO I . 11.59 32.98 6.73
C2 EDO I . 10.83 31.44 5.00
O2 EDO I . 11.65 30.41 5.55
C1 EDO J . -1.85 3.58 -5.48
O1 EDO J . -0.43 3.37 -5.52
C2 EDO J . -2.60 2.49 -6.22
O2 EDO J . -3.79 3.02 -6.84
C1 EDO K . 2.99 -5.91 6.37
O1 EDO K . 3.19 -4.58 5.84
C2 EDO K . 1.95 -6.67 5.53
O2 EDO K . 1.56 -7.89 6.18
C1 EDO L . -19.85 -33.81 -10.69
O1 EDO L . -21.11 -33.31 -11.13
C2 EDO L . -20.04 -35.07 -9.85
O2 EDO L . -18.77 -35.61 -9.50
C1 EDO M . 0.20 22.81 6.65
O1 EDO M . -0.47 24.04 6.93
C2 EDO M . 0.44 22.64 5.17
O2 EDO M . 0.21 21.31 4.72
S SO4 N . -0.14 -3.59 -5.26
O1 SO4 N . 0.65 -3.77 -4.06
O2 SO4 N . 0.73 -3.13 -6.35
O3 SO4 N . -1.24 -2.65 -5.07
O4 SO4 N . -0.74 -4.84 -5.64
S SO4 O . 2.92 -1.70 1.00
O1 SO4 O . 3.26 -0.32 0.60
O2 SO4 O . 4.07 -2.33 1.62
O3 SO4 O . 1.80 -1.55 1.90
O4 SO4 O . 2.55 -2.42 -0.20
S SO4 P . -0.89 -6.34 2.84
O1 SO4 P . -1.66 -5.47 3.74
O2 SO4 P . 0.38 -5.67 2.50
O3 SO4 P . -0.55 -7.61 3.45
O4 SO4 P . -1.66 -6.57 1.63
S SO4 Q . -8.05 -33.15 -9.63
O1 SO4 Q . -8.10 -32.61 -10.99
O2 SO4 Q . -6.70 -33.68 -9.47
O3 SO4 Q . -8.34 -32.12 -8.64
O4 SO4 Q . -9.03 -34.22 -9.45
S SO4 R . 7.66 -4.49 4.37
O1 SO4 R . 7.75 -3.09 4.00
O2 SO4 R . 8.96 -4.94 4.88
O3 SO4 R . 6.64 -4.68 5.40
O4 SO4 R . 7.32 -5.28 3.19
S SO4 S . -19.09 -25.66 6.47
O1 SO4 S . -19.20 -24.20 6.45
O2 SO4 S . -17.72 -26.03 6.14
O3 SO4 S . -19.44 -26.17 7.80
O4 SO4 S . -20.00 -26.22 5.48
S SO4 T . -4.01 1.42 -2.19
O1 SO4 T . -3.86 1.34 -0.73
O2 SO4 T . -2.79 1.98 -2.77
O3 SO4 T . -4.24 0.09 -2.72
O4 SO4 T . -5.13 2.29 -2.52
S SO4 U . -4.83 0.98 -28.15
O1 SO4 U . -3.57 0.96 -27.40
O2 SO4 U . -4.53 1.24 -29.56
O3 SO4 U . -5.70 2.02 -27.62
O4 SO4 U . -5.49 -0.32 -28.01
#